data_6N82
#
_entry.id   6N82
#
_cell.length_a   110.920
_cell.length_b   110.920
_cell.length_c   77.530
_cell.angle_alpha   90.00
_cell.angle_beta   90.00
_cell.angle_gamma   90.00
#
_symmetry.space_group_name_H-M   'P 41 21 2'
#
loop_
_entity.id
_entity.type
_entity.pdbx_description
1 polymer 'Farnesyl pyrophosphate synthase'
2 non-polymer GLYCEROL
3 non-polymer '[(1S)-1-{[6-(3-chloro-4-methylphenyl)thieno[2,3-d]pyrimidin-4-yl]amino}-2-(3-fluorophenyl)ethyl]phosphonic acid'
4 non-polymer 'TRIETHYLENE GLYCOL'
5 non-polymer 1,2-ETHANEDIOL
6 non-polymer 'CHLORIDE ION'
7 non-polymer 'PHOSPHATE ION'
8 water water
#
_entity_poly.entity_id   1
_entity_poly.type   'polypeptide(L)'
_entity_poly.pdbx_seq_one_letter_code
;MGSSHHHHHHSSGRENLYFQGHMNGDQNSDVYAQEKQDFVQHFSQIVRVLTEDEMGHPEIGDAIARLKEVLEYNAIGGKY
NRGLTVVVAFRELVEPRKQDADSLQRAWTVGWCVELLQAFFLVADDIMDSSLTRRGQICWYQKPGVGLDAINDANLLEAC
IYRLLKLYCREQPYYLNLIELFLQSSYQTEIGQTLDLLTAPQGNVDLVRFTEKRYKSIVKYKTAFYSFYLPIAAAMYMAG
IDGEKEHANAKKILLEMGEFFQIQDDYLDLFGDPSVTGKIGTDIQDNKCSWLVVQCLQRATPEQYQILKENYGQKEAEKV
ARVKALYEELDLPAVFLQYEEDSYSHIMALIEQYAAPLPPAVFLGLARKIYKRRK
;
_entity_poly.pdbx_strand_id   F
#
# COMPACT_ATOMS: atom_id res chain seq x y z
N ASP A 30 -9.44 7.33 18.06
CA ASP A 30 -8.67 6.39 17.17
C ASP A 30 -7.24 6.27 17.71
N VAL A 31 -6.83 5.05 18.12
CA VAL A 31 -5.43 4.70 18.53
C VAL A 31 -4.41 5.21 17.50
N TYR A 32 -4.84 5.35 16.23
CA TYR A 32 -4.02 5.92 15.13
C TYR A 32 -3.85 7.45 15.32
N ALA A 33 -4.97 8.16 15.58
CA ALA A 33 -4.93 9.63 15.88
C ALA A 33 -3.92 9.96 17.03
N GLN A 34 -3.95 9.13 18.13
CA GLN A 34 -3.00 9.19 19.29
C GLN A 34 -1.51 9.09 18.89
N GLU A 35 -1.06 8.00 18.22
CA GLU A 35 0.36 7.82 17.92
C GLU A 35 0.82 8.74 16.78
N LYS A 36 -0.14 9.36 16.08
CA LYS A 36 0.15 10.00 14.79
C LYS A 36 1.19 11.14 14.90
N GLN A 37 0.98 12.05 15.85
CA GLN A 37 1.88 13.18 16.16
C GLN A 37 3.34 12.72 16.40
N ASP A 38 3.49 11.78 17.35
CA ASP A 38 4.82 11.27 17.67
C ASP A 38 5.44 10.64 16.40
N PHE A 39 4.60 10.07 15.51
CA PHE A 39 5.08 9.32 14.34
C PHE A 39 5.63 10.34 13.32
N VAL A 40 4.81 11.33 12.97
CA VAL A 40 5.22 12.36 12.02
C VAL A 40 6.41 13.16 12.57
N GLN A 41 6.50 13.31 13.89
CA GLN A 41 7.60 14.08 14.52
C GLN A 41 8.98 13.39 14.38
N HIS A 42 8.91 12.03 14.32
CA HIS A 42 10.10 11.27 14.27
C HIS A 42 10.77 11.49 12.91
N PHE A 43 9.97 11.94 11.92
CA PHE A 43 10.47 11.98 10.53
C PHE A 43 11.73 12.85 10.48
N SER A 44 11.72 13.93 11.25
CA SER A 44 12.83 14.88 11.35
C SER A 44 14.15 14.18 11.71
N GLN A 45 14.06 13.33 12.72
CA GLN A 45 15.18 12.57 13.17
C GLN A 45 15.65 11.60 12.03
N ILE A 46 14.70 10.91 11.37
CA ILE A 46 14.96 9.92 10.26
C ILE A 46 15.84 10.67 9.27
N VAL A 47 15.40 11.87 8.91
CA VAL A 47 16.09 12.62 7.84
C VAL A 47 17.49 12.98 8.34
N ARG A 48 17.61 13.36 9.60
CA ARG A 48 18.83 13.89 10.14
C ARG A 48 19.90 12.78 10.08
N VAL A 49 19.57 11.62 10.63
CA VAL A 49 20.45 10.47 10.66
C VAL A 49 20.80 10.00 9.23
N LEU A 50 19.85 10.04 8.30
CA LEU A 50 20.17 9.59 6.92
C LEU A 50 21.11 10.55 6.22
N THR A 51 21.17 11.79 6.70
CA THR A 51 21.88 12.79 5.97
C THR A 51 23.14 13.17 6.75
N GLU A 52 23.50 12.40 7.79
CA GLU A 52 24.55 12.80 8.76
C GLU A 52 25.95 12.42 8.25
N ASP A 53 25.99 11.58 7.18
CA ASP A 53 27.20 11.13 6.41
C ASP A 53 27.91 12.28 5.70
N GLU A 54 27.14 13.30 5.28
CA GLU A 54 27.61 14.66 4.91
C GLU A 54 28.63 15.22 5.93
N MET A 55 28.59 14.71 7.18
CA MET A 55 29.52 15.05 8.32
C MET A 55 30.78 14.16 8.27
N GLY A 56 30.65 12.89 7.83
CA GLY A 56 31.80 11.98 7.56
C GLY A 56 32.42 12.14 6.17
N HIS A 57 31.62 12.60 5.18
CA HIS A 57 32.00 12.49 3.74
C HIS A 57 31.63 13.77 2.98
N PRO A 58 32.43 14.86 3.10
CA PRO A 58 32.13 16.11 2.40
C PRO A 58 31.82 15.97 0.89
N GLU A 59 32.73 15.32 0.16
CA GLU A 59 32.63 14.85 -1.24
C GLU A 59 31.17 14.52 -1.72
N ILE A 60 30.36 13.82 -0.92
CA ILE A 60 29.04 13.43 -1.38
C ILE A 60 27.95 14.39 -0.89
N GLY A 61 28.32 15.56 -0.34
CA GLY A 61 27.40 16.57 0.25
C GLY A 61 26.22 16.86 -0.68
N ASP A 62 26.56 17.17 -1.93
CA ASP A 62 25.57 17.53 -2.91
C ASP A 62 24.58 16.37 -3.13
N ALA A 63 25.07 15.15 -3.10
CA ALA A 63 24.14 13.99 -3.30
C ALA A 63 23.24 13.80 -2.09
N ILE A 64 23.82 14.03 -0.91
CA ILE A 64 23.06 13.85 0.28
C ILE A 64 21.98 14.95 0.36
N ALA A 65 22.30 16.17 -0.06
CA ALA A 65 21.29 17.25 -0.19
C ALA A 65 20.15 16.79 -1.12
N ARG A 66 20.48 16.18 -2.26
CA ARG A 66 19.40 15.75 -3.11
C ARG A 66 18.59 14.62 -2.44
N LEU A 67 19.26 13.73 -1.71
CA LEU A 67 18.52 12.66 -0.99
C LEU A 67 17.47 13.25 -0.03
N LYS A 68 17.89 14.27 0.71
CA LYS A 68 17.02 14.97 1.64
C LYS A 68 15.77 15.56 0.94
N GLU A 69 15.98 16.21 -0.21
CA GLU A 69 14.89 16.73 -1.01
C GLU A 69 13.93 15.59 -1.45
N VAL A 70 14.49 14.46 -1.86
CA VAL A 70 13.70 13.33 -2.33
C VAL A 70 12.83 12.76 -1.19
N LEU A 71 13.43 12.65 -0.01
CA LEU A 71 12.73 12.14 1.15
C LEU A 71 11.57 13.08 1.54
N GLU A 72 11.84 14.38 1.62
CA GLU A 72 10.83 15.32 2.08
C GLU A 72 9.69 15.44 1.08
N TYR A 73 9.96 15.38 -0.23
CA TYR A 73 8.92 15.54 -1.20
C TYR A 73 8.09 14.24 -1.25
N ASN A 74 8.71 13.05 -1.19
CA ASN A 74 7.96 11.79 -1.52
C ASN A 74 7.48 11.00 -0.29
N ALA A 75 8.10 11.19 0.88
CA ALA A 75 7.74 10.36 2.06
C ALA A 75 6.70 11.06 2.94
N ILE A 76 6.47 12.35 2.72
CA ILE A 76 5.57 13.14 3.48
C ILE A 76 4.34 13.39 2.65
N GLY A 77 3.19 13.49 3.31
CA GLY A 77 1.97 13.99 2.69
C GLY A 77 0.84 12.97 2.58
N GLY A 78 1.09 11.67 2.80
CA GLY A 78 -0.03 10.71 2.84
C GLY A 78 -0.71 10.73 4.19
N LYS A 79 -1.45 9.68 4.50
CA LYS A 79 -2.12 9.53 5.77
C LYS A 79 -1.28 8.65 6.75
N TYR A 80 -0.19 8.00 6.28
CA TYR A 80 0.77 7.15 7.07
C TYR A 80 0.08 5.91 7.71
N ASN A 81 -1.02 5.40 7.15
CA ASN A 81 -1.76 4.25 7.75
C ASN A 81 -0.86 3.00 7.86
N ARG A 82 0.01 2.78 6.89
CA ARG A 82 0.76 1.57 6.88
C ARG A 82 1.85 1.63 7.96
N GLY A 83 2.55 2.76 8.00
CA GLY A 83 3.62 3.00 8.99
C GLY A 83 3.12 3.05 10.41
N LEU A 84 1.97 3.72 10.60
CA LEU A 84 1.35 3.84 11.88
C LEU A 84 0.90 2.47 12.37
N THR A 85 0.53 1.60 11.42
CA THR A 85 0.07 0.26 11.80
C THR A 85 1.20 -0.47 12.51
N VAL A 86 2.46 -0.26 12.09
CA VAL A 86 3.57 -0.84 12.78
C VAL A 86 3.57 -0.34 14.22
N VAL A 87 3.34 0.94 14.42
CA VAL A 87 3.52 1.42 15.80
C VAL A 87 2.37 0.94 16.67
N VAL A 88 1.14 0.99 16.13
CA VAL A 88 -0.06 0.60 16.95
C VAL A 88 0.06 -0.89 17.36
N ALA A 89 0.46 -1.76 16.42
CA ALA A 89 0.52 -3.19 16.61
C ALA A 89 1.62 -3.51 17.63
N PHE A 90 2.74 -2.78 17.52
CA PHE A 90 3.82 -2.97 18.41
C PHE A 90 3.37 -2.67 19.84
N ARG A 91 2.60 -1.60 20.01
CA ARG A 91 2.12 -1.23 21.33
C ARG A 91 1.13 -2.27 21.85
N GLU A 92 0.37 -2.93 20.98
CA GLU A 92 -0.57 -3.92 21.47
C GLU A 92 0.13 -5.27 21.75
N LEU A 93 1.30 -5.52 21.15
CA LEU A 93 1.86 -6.86 21.17
C LEU A 93 2.96 -7.06 22.23
N VAL A 94 3.59 -5.97 22.67
CA VAL A 94 4.68 -6.01 23.62
C VAL A 94 4.20 -5.59 25.03
N GLU A 95 4.45 -6.42 26.05
CA GLU A 95 4.15 -6.05 27.46
C GLU A 95 4.61 -4.61 27.68
N PRO A 96 3.81 -3.76 28.37
CA PRO A 96 4.20 -2.37 28.59
C PRO A 96 5.58 -2.25 29.27
N ARG A 97 5.96 -3.31 30.06
CA ARG A 97 7.23 -3.38 30.84
C ARG A 97 8.41 -3.26 29.86
N LYS A 98 8.27 -3.76 28.61
CA LYS A 98 9.38 -3.84 27.57
C LYS A 98 9.29 -2.74 26.49
N GLN A 99 8.46 -1.70 26.70
CA GLN A 99 8.29 -0.56 25.73
C GLN A 99 9.02 0.71 26.23
N ASP A 100 10.38 0.63 26.27
CA ASP A 100 11.21 1.79 26.70
C ASP A 100 11.40 2.77 25.53
N ALA A 101 12.03 3.91 25.83
CA ALA A 101 12.13 5.01 24.87
C ALA A 101 12.82 4.51 23.61
N ASP A 102 13.76 3.58 23.80
CA ASP A 102 14.52 3.04 22.69
C ASP A 102 13.69 2.07 21.83
N SER A 103 12.91 1.19 22.49
CA SER A 103 11.97 0.30 21.86
C SER A 103 11.08 1.11 20.89
N LEU A 104 10.55 2.24 21.39
CA LEU A 104 9.62 3.05 20.63
C LEU A 104 10.32 3.82 19.50
N GLN A 105 11.51 4.37 19.71
CA GLN A 105 12.37 4.88 18.60
C GLN A 105 12.41 3.87 17.43
N ARG A 106 12.63 2.61 17.78
CA ARG A 106 12.78 1.56 16.81
C ARG A 106 11.45 1.31 16.12
N ALA A 107 10.35 1.27 16.87
CA ALA A 107 9.03 1.10 16.25
C ALA A 107 8.72 2.26 15.28
N TRP A 108 8.96 3.52 15.68
CA TRP A 108 8.75 4.70 14.79
C TRP A 108 9.63 4.57 13.52
N THR A 109 10.88 4.13 13.69
CA THR A 109 11.77 3.94 12.56
C THR A 109 11.24 2.86 11.59
N VAL A 110 10.78 1.72 12.11
CA VAL A 110 10.35 0.61 11.23
C VAL A 110 9.04 1.03 10.58
N GLY A 111 8.13 1.71 11.29
CA GLY A 111 6.99 2.34 10.65
C GLY A 111 7.42 3.25 9.48
N TRP A 112 8.42 4.10 9.70
CA TRP A 112 8.87 4.96 8.62
C TRP A 112 9.48 4.14 7.47
N CYS A 113 10.14 3.00 7.78
CA CYS A 113 10.69 2.10 6.73
C CYS A 113 9.56 1.60 5.81
N VAL A 114 8.39 1.26 6.39
CA VAL A 114 7.22 0.88 5.57
C VAL A 114 6.83 2.06 4.67
N GLU A 115 6.80 3.27 5.21
CA GLU A 115 6.38 4.44 4.40
C GLU A 115 7.42 4.71 3.29
N LEU A 116 8.71 4.49 3.57
CA LEU A 116 9.73 4.64 2.53
C LEU A 116 9.61 3.57 1.44
N LEU A 117 9.25 2.35 1.81
CA LEU A 117 9.02 1.31 0.84
C LEU A 117 7.91 1.76 -0.11
N GLN A 118 6.84 2.30 0.47
CA GLN A 118 5.75 2.74 -0.29
C GLN A 118 6.14 3.88 -1.24
N ALA A 119 6.90 4.85 -0.74
CA ALA A 119 7.34 5.98 -1.53
C ALA A 119 8.21 5.50 -2.70
N PHE A 120 9.08 4.50 -2.49
CA PHE A 120 9.81 3.84 -3.58
C PHE A 120 8.84 3.33 -4.65
N PHE A 121 7.83 2.57 -4.24
CA PHE A 121 6.86 2.01 -5.22
C PHE A 121 6.16 3.11 -6.01
N LEU A 122 5.69 4.16 -5.32
CA LEU A 122 4.85 5.15 -5.96
C LEU A 122 5.66 6.02 -6.91
N VAL A 123 6.86 6.43 -6.53
CA VAL A 123 7.62 7.27 -7.42
C VAL A 123 7.87 6.54 -8.76
N ALA A 124 8.20 5.25 -8.70
CA ALA A 124 8.47 4.40 -9.83
C ALA A 124 7.20 4.13 -10.61
N ASP A 125 6.11 3.79 -9.91
CA ASP A 125 4.84 3.56 -10.57
C ASP A 125 4.34 4.77 -11.37
N ASP A 126 4.48 5.97 -10.80
CA ASP A 126 4.03 7.23 -11.45
C ASP A 126 4.81 7.45 -12.74
N ILE A 127 6.11 7.16 -12.72
CA ILE A 127 6.89 7.17 -13.98
C ILE A 127 6.30 6.16 -15.00
N MET A 128 6.17 4.90 -14.60
CA MET A 128 5.71 3.84 -15.50
C MET A 128 4.32 4.12 -16.08
N ASP A 129 3.43 4.68 -15.28
CA ASP A 129 2.02 4.96 -15.73
C ASP A 129 1.87 6.29 -16.42
N SER A 130 2.94 7.10 -16.46
CA SER A 130 2.80 8.47 -16.98
C SER A 130 1.74 9.28 -16.21
N SER A 131 1.66 9.11 -14.89
CA SER A 131 0.80 9.95 -14.06
C SER A 131 1.30 11.41 -13.98
N LEU A 132 0.36 12.32 -13.73
CA LEU A 132 0.66 13.76 -13.60
C LEU A 132 0.77 14.12 -12.10
N THR A 133 -0.26 13.71 -11.31
CA THR A 133 -0.30 14.03 -9.93
C THR A 133 -0.48 12.78 -9.07
N ARG A 134 -0.20 12.97 -7.78
CA ARG A 134 -0.24 11.96 -6.72
C ARG A 134 -0.51 12.68 -5.38
N ARG A 135 -1.50 12.21 -4.61
CA ARG A 135 -1.70 12.79 -3.22
C ARG A 135 -1.90 14.30 -3.41
N GLY A 136 -2.64 14.71 -4.46
CA GLY A 136 -2.82 16.11 -4.78
C GLY A 136 -1.51 16.91 -4.91
N GLN A 137 -0.50 16.34 -5.59
CA GLN A 137 0.69 17.10 -5.91
C GLN A 137 1.26 16.64 -7.27
N ILE A 138 2.11 17.48 -7.86
CA ILE A 138 2.82 17.10 -9.07
C ILE A 138 3.70 15.90 -8.72
N CYS A 139 3.59 14.84 -9.52
CA CYS A 139 4.49 13.70 -9.35
C CYS A 139 5.94 14.18 -9.43
N TRP A 140 6.77 13.57 -8.59
CA TRP A 140 8.19 13.92 -8.46
C TRP A 140 8.86 13.96 -9.84
N TYR A 141 8.69 12.92 -10.66
CA TYR A 141 9.40 12.81 -11.93
C TYR A 141 8.93 13.92 -12.89
N GLN A 142 7.76 14.52 -12.66
CA GLN A 142 7.27 15.60 -13.59
C GLN A 142 7.80 16.97 -13.18
N LYS A 143 8.57 17.01 -12.08
CA LYS A 143 9.09 18.26 -11.58
C LYS A 143 10.17 18.74 -12.54
N PRO A 144 10.23 20.04 -12.82
CA PRO A 144 11.27 20.61 -13.67
C PRO A 144 12.66 20.16 -13.22
N GLY A 145 13.45 19.60 -14.12
CA GLY A 145 14.81 19.14 -13.72
C GLY A 145 14.87 17.77 -13.04
N VAL A 146 13.77 17.05 -12.83
CA VAL A 146 13.90 15.68 -12.30
C VAL A 146 13.84 14.71 -13.49
N GLY A 147 12.68 14.58 -14.13
CA GLY A 147 12.49 13.62 -15.19
C GLY A 147 12.90 12.20 -14.75
N LEU A 148 13.54 11.46 -15.66
CA LEU A 148 13.85 10.07 -15.43
C LEU A 148 14.97 9.86 -14.40
N ASP A 149 15.63 10.93 -13.95
CA ASP A 149 16.48 10.85 -12.75
C ASP A 149 15.68 10.30 -11.56
N ALA A 150 14.35 10.41 -11.62
CA ALA A 150 13.49 9.91 -10.51
C ALA A 150 13.67 8.41 -10.32
N ILE A 151 14.18 7.72 -11.33
CA ILE A 151 14.42 6.29 -11.18
C ILE A 151 15.51 6.02 -10.12
N ASN A 152 16.60 6.76 -10.20
CA ASN A 152 17.64 6.63 -9.19
C ASN A 152 17.10 7.13 -7.83
N ASP A 153 16.32 8.21 -7.83
CA ASP A 153 15.71 8.72 -6.58
C ASP A 153 14.86 7.65 -5.92
N ALA A 154 14.05 6.95 -6.71
CA ALA A 154 13.23 5.84 -6.19
C ALA A 154 14.14 4.77 -5.55
N ASN A 155 15.20 4.36 -6.26
CA ASN A 155 16.16 3.37 -5.73
C ASN A 155 16.77 3.83 -4.40
N LEU A 156 17.09 5.11 -4.25
CA LEU A 156 17.64 5.60 -2.98
C LEU A 156 16.62 5.49 -1.84
N LEU A 157 15.37 5.79 -2.15
CA LEU A 157 14.31 5.62 -1.13
C LEU A 157 14.30 4.18 -0.61
N GLU A 158 14.42 3.24 -1.53
CA GLU A 158 14.48 1.80 -1.14
C GLU A 158 15.74 1.59 -0.26
N ALA A 159 16.88 2.13 -0.69
CA ALA A 159 18.08 1.86 0.00
C ALA A 159 18.01 2.38 1.44
N CYS A 160 17.30 3.50 1.63
CA CYS A 160 17.22 4.18 2.93
C CYS A 160 16.65 3.22 3.99
N ILE A 161 15.74 2.33 3.56
CA ILE A 161 15.11 1.38 4.45
C ILE A 161 16.22 0.63 5.17
N TYR A 162 17.25 0.16 4.41
CA TYR A 162 18.20 -0.81 4.94
C TYR A 162 19.22 -0.05 5.76
N ARG A 163 19.51 1.19 5.36
N ARG A 163 19.51 1.20 5.41
CA ARG A 163 20.35 2.13 6.18
CA ARG A 163 20.44 1.96 6.29
C ARG A 163 19.72 2.25 7.60
C ARG A 163 19.72 2.24 7.65
N LEU A 164 18.40 2.54 7.63
CA LEU A 164 17.68 2.79 8.90
C LEU A 164 17.66 1.48 9.73
N LEU A 165 17.37 0.32 9.10
CA LEU A 165 17.29 -0.92 9.87
C LEU A 165 18.62 -1.19 10.54
N LYS A 166 19.69 -0.94 9.80
CA LYS A 166 21.01 -1.14 10.36
C LYS A 166 21.29 -0.15 11.52
N LEU A 167 20.97 1.13 11.32
CA LEU A 167 21.34 2.17 12.28
C LEU A 167 20.58 1.96 13.59
N TYR A 168 19.34 1.49 13.53
CA TYR A 168 18.47 1.42 14.69
C TYR A 168 18.33 -0.02 15.21
N CYS A 169 18.49 -1.05 14.38
CA CYS A 169 18.05 -2.40 14.78
C CYS A 169 19.15 -3.50 14.71
N ARG A 170 20.38 -3.12 14.33
CA ARG A 170 21.41 -4.12 14.00
C ARG A 170 21.71 -5.01 15.23
N GLU A 171 21.59 -4.49 16.46
CA GLU A 171 21.95 -5.30 17.63
C GLU A 171 20.74 -6.11 18.09
N GLN A 172 19.58 -5.95 17.43
CA GLN A 172 18.36 -6.62 17.90
C GLN A 172 18.24 -8.05 17.36
N PRO A 173 17.62 -9.00 18.11
CA PRO A 173 17.48 -10.36 17.64
C PRO A 173 16.59 -10.50 16.41
N TYR A 174 15.75 -9.51 16.10
CA TYR A 174 14.84 -9.59 14.94
C TYR A 174 15.44 -8.89 13.71
N TYR A 175 16.67 -8.39 13.79
CA TYR A 175 17.33 -7.67 12.66
C TYR A 175 17.16 -8.42 11.32
N LEU A 176 17.69 -9.64 11.22
CA LEU A 176 17.69 -10.35 9.98
C LEU A 176 16.25 -10.68 9.55
N ASN A 177 15.38 -10.97 10.51
CA ASN A 177 13.94 -11.16 10.23
C ASN A 177 13.32 -9.95 9.49
N LEU A 178 13.65 -8.73 9.93
CA LEU A 178 13.07 -7.55 9.29
C LEU A 178 13.70 -7.31 7.92
N ILE A 179 15.02 -7.46 7.79
CA ILE A 179 15.63 -7.33 6.45
C ILE A 179 14.89 -8.25 5.44
N GLU A 180 14.76 -9.52 5.76
CA GLU A 180 14.16 -10.50 4.88
C GLU A 180 12.70 -10.17 4.58
N LEU A 181 11.97 -9.63 5.58
CA LEU A 181 10.56 -9.26 5.41
C LEU A 181 10.41 -8.10 4.41
N PHE A 182 11.23 -7.07 4.55
CA PHE A 182 11.21 -5.94 3.60
C PHE A 182 11.65 -6.35 2.18
N LEU A 183 12.71 -7.17 2.07
CA LEU A 183 13.17 -7.68 0.79
C LEU A 183 12.07 -8.56 0.21
N GLN A 184 11.49 -9.43 1.02
CA GLN A 184 10.40 -10.27 0.41
C GLN A 184 9.20 -9.38 -0.01
N SER A 185 8.91 -8.32 0.76
CA SER A 185 7.75 -7.46 0.47
C SER A 185 7.98 -6.74 -0.87
N SER A 186 9.22 -6.35 -1.12
CA SER A 186 9.64 -5.75 -2.36
C SER A 186 9.47 -6.71 -3.53
N TYR A 187 9.97 -7.93 -3.39
CA TYR A 187 9.85 -8.90 -4.49
C TYR A 187 8.34 -9.14 -4.82
N GLN A 188 7.52 -9.38 -3.78
CA GLN A 188 6.08 -9.73 -3.97
C GLN A 188 5.39 -8.59 -4.73
N THR A 189 5.70 -7.35 -4.33
CA THR A 189 5.09 -6.20 -4.92
C THR A 189 5.57 -6.05 -6.37
N GLU A 190 6.88 -6.23 -6.63
CA GLU A 190 7.37 -6.11 -8.00
C GLU A 190 6.75 -7.18 -8.91
N ILE A 191 6.57 -8.40 -8.39
CA ILE A 191 5.89 -9.51 -9.13
C ILE A 191 4.45 -9.13 -9.52
N GLY A 192 3.76 -8.59 -8.55
CA GLY A 192 2.43 -8.03 -8.72
C GLY A 192 2.39 -6.92 -9.74
N GLN A 193 3.39 -6.02 -9.74
CA GLN A 193 3.44 -5.03 -10.74
C GLN A 193 3.62 -5.69 -12.11
N THR A 194 4.51 -6.70 -12.21
CA THR A 194 4.79 -7.30 -13.53
C THR A 194 3.46 -7.87 -14.05
N LEU A 195 2.74 -8.53 -13.15
CA LEU A 195 1.48 -9.20 -13.56
C LEU A 195 0.49 -8.12 -14.03
N ASP A 196 0.46 -6.98 -13.33
CA ASP A 196 -0.42 -5.91 -13.66
C ASP A 196 -0.11 -5.33 -15.04
N LEU A 197 1.17 -5.02 -15.25
CA LEU A 197 1.69 -4.54 -16.53
C LEU A 197 1.41 -5.52 -17.65
N LEU A 198 1.50 -6.83 -17.40
CA LEU A 198 1.16 -7.76 -18.51
C LEU A 198 -0.36 -7.75 -18.82
N THR A 199 -1.19 -7.42 -17.84
CA THR A 199 -2.66 -7.65 -17.85
C THR A 199 -3.32 -6.43 -18.51
N ALA A 200 -2.79 -5.24 -18.22
CA ALA A 200 -3.38 -3.97 -18.61
C ALA A 200 -2.39 -3.14 -19.43
N PRO A 201 -1.78 -3.63 -20.53
CA PRO A 201 -0.78 -2.83 -21.26
C PRO A 201 -1.26 -1.44 -21.71
N ASN A 204 -3.21 -0.61 -27.05
CA ASN A 204 -3.41 -1.94 -26.53
C ASN A 204 -4.52 -1.92 -25.48
N VAL A 205 -5.74 -2.33 -25.90
CA VAL A 205 -6.94 -2.39 -25.06
C VAL A 205 -7.49 -3.83 -25.11
N ASP A 206 -7.48 -4.57 -23.99
CA ASP A 206 -8.01 -5.95 -23.98
C ASP A 206 -8.53 -6.46 -22.62
N LEU A 207 -9.71 -7.11 -22.72
CA LEU A 207 -10.62 -7.46 -21.64
C LEU A 207 -10.63 -8.98 -21.40
N VAL A 208 -10.21 -9.77 -22.38
CA VAL A 208 -10.12 -11.19 -22.17
C VAL A 208 -9.05 -11.44 -21.10
N ARG A 209 -8.22 -10.45 -20.82
CA ARG A 209 -7.24 -10.61 -19.78
C ARG A 209 -7.83 -10.41 -18.36
N PHE A 210 -8.98 -9.74 -18.30
CA PHE A 210 -9.47 -9.16 -17.08
C PHE A 210 -10.36 -10.16 -16.31
N THR A 211 -9.76 -11.24 -15.81
CA THR A 211 -10.49 -12.30 -15.12
C THR A 211 -10.37 -12.18 -13.60
N GLU A 212 -11.29 -12.87 -12.92
CA GLU A 212 -11.36 -12.75 -11.48
C GLU A 212 -10.08 -13.32 -10.83
N LYS A 213 -9.61 -14.50 -11.31
CA LYS A 213 -8.43 -15.16 -10.77
C LYS A 213 -7.24 -14.21 -10.97
N ARG A 214 -7.17 -13.54 -12.11
CA ARG A 214 -6.00 -12.65 -12.39
C ARG A 214 -6.08 -11.40 -11.50
N TYR A 215 -7.27 -10.81 -11.42
CA TYR A 215 -7.50 -9.66 -10.52
C TYR A 215 -7.06 -9.95 -9.06
N LYS A 216 -7.50 -11.09 -8.54
CA LYS A 216 -7.19 -11.43 -7.16
C LYS A 216 -5.68 -11.61 -6.97
N SER A 217 -5.01 -12.24 -7.95
CA SER A 217 -3.52 -12.41 -7.98
C SER A 217 -2.79 -11.07 -7.98
N ILE A 218 -3.22 -10.17 -8.86
CA ILE A 218 -2.58 -8.85 -8.88
C ILE A 218 -2.70 -8.22 -7.49
N VAL A 219 -3.91 -8.27 -6.90
CA VAL A 219 -4.17 -7.53 -5.66
C VAL A 219 -3.31 -8.10 -4.52
N LYS A 220 -3.25 -9.42 -4.46
CA LYS A 220 -2.52 -10.08 -3.42
C LYS A 220 -1.05 -9.68 -3.46
N TYR A 221 -0.41 -9.79 -4.64
CA TYR A 221 1.03 -9.55 -4.76
C TYR A 221 1.35 -8.05 -4.73
N LYS A 222 0.58 -7.27 -5.51
CA LYS A 222 0.97 -5.85 -5.73
C LYS A 222 0.61 -4.99 -4.53
N THR A 223 -0.48 -5.33 -3.80
CA THR A 223 -1.05 -4.40 -2.76
C THR A 223 -1.08 -5.01 -1.35
N ALA A 224 -1.68 -6.20 -1.27
CA ALA A 224 -2.06 -6.77 0.01
C ALA A 224 -0.82 -7.17 0.85
N PHE A 225 0.24 -7.76 0.24
N PHE A 225 0.21 -7.75 0.23
CA PHE A 225 1.36 -8.25 1.05
CA PHE A 225 1.34 -8.22 1.03
C PHE A 225 2.00 -7.05 1.75
C PHE A 225 1.94 -7.02 1.75
N TYR A 226 2.29 -5.97 1.01
CA TYR A 226 3.03 -4.80 1.61
C TYR A 226 2.14 -3.89 2.43
N SER A 227 0.84 -3.81 2.11
CA SER A 227 -0.05 -2.85 2.79
C SER A 227 -0.53 -3.42 4.14
N PHE A 228 -0.82 -4.73 4.19
CA PHE A 228 -1.51 -5.35 5.36
C PHE A 228 -0.60 -6.38 6.04
N TYR A 229 0.03 -7.29 5.28
CA TYR A 229 0.89 -8.29 5.96
C TYR A 229 2.14 -7.63 6.55
N LEU A 230 2.87 -6.90 5.73
CA LEU A 230 4.16 -6.36 6.11
C LEU A 230 4.09 -5.59 7.44
N PRO A 231 3.24 -4.57 7.66
CA PRO A 231 3.37 -3.82 8.90
C PRO A 231 3.04 -4.61 10.19
N ILE A 232 2.02 -5.48 10.15
CA ILE A 232 1.72 -6.33 11.30
C ILE A 232 2.92 -7.28 11.53
N ALA A 233 3.39 -7.95 10.45
CA ALA A 233 4.53 -8.91 10.50
C ALA A 233 5.73 -8.25 11.17
N ALA A 234 5.99 -7.00 10.79
CA ALA A 234 7.14 -6.28 11.32
C ALA A 234 6.96 -6.14 12.83
N ALA A 235 5.78 -5.70 13.26
CA ALA A 235 5.47 -5.54 14.68
C ALA A 235 5.65 -6.88 15.41
N MET A 236 5.15 -7.97 14.80
CA MET A 236 5.26 -9.29 15.38
C MET A 236 6.74 -9.62 15.63
N TYR A 237 7.62 -9.39 14.65
CA TYR A 237 9.04 -9.78 14.84
C TYR A 237 9.67 -8.95 15.95
N MET A 238 9.27 -7.69 15.99
CA MET A 238 9.79 -6.79 16.98
C MET A 238 9.36 -7.25 18.37
N ALA A 239 8.21 -7.93 18.46
CA ALA A 239 7.70 -8.38 19.76
C ALA A 239 8.24 -9.79 20.11
N GLY A 240 9.14 -10.35 19.30
CA GLY A 240 9.64 -11.68 19.55
C GLY A 240 8.76 -12.78 18.95
N ILE A 241 7.70 -12.41 18.22
CA ILE A 241 6.78 -13.41 17.64
C ILE A 241 7.27 -13.75 16.24
N ASP A 242 8.08 -14.79 16.15
CA ASP A 242 8.76 -15.09 14.92
C ASP A 242 8.31 -16.45 14.36
N GLY A 243 7.43 -17.17 15.06
CA GLY A 243 7.04 -18.52 14.63
C GLY A 243 6.43 -18.46 13.25
N GLU A 244 6.65 -19.49 12.41
CA GLU A 244 6.15 -19.52 11.03
C GLU A 244 4.62 -19.69 11.02
N LYS A 245 4.08 -20.50 11.94
CA LYS A 245 2.61 -20.73 12.04
C LYS A 245 1.89 -19.42 12.43
N GLU A 246 2.40 -18.68 13.41
CA GLU A 246 1.78 -17.44 13.81
C GLU A 246 1.78 -16.47 12.60
N HIS A 247 2.91 -16.34 11.91
CA HIS A 247 3.02 -15.47 10.71
C HIS A 247 2.05 -15.95 9.65
N ALA A 248 1.90 -17.25 9.50
CA ALA A 248 1.04 -17.73 8.45
C ALA A 248 -0.43 -17.47 8.81
N ASN A 249 -0.77 -17.61 10.09
CA ASN A 249 -2.15 -17.34 10.54
C ASN A 249 -2.52 -15.88 10.31
N ALA A 250 -1.61 -14.99 10.70
CA ALA A 250 -1.84 -13.54 10.58
C ALA A 250 -1.97 -13.18 9.08
N LYS A 251 -1.09 -13.76 8.26
CA LYS A 251 -1.10 -13.56 6.81
C LYS A 251 -2.47 -13.93 6.22
N LYS A 252 -3.08 -15.01 6.69
CA LYS A 252 -4.32 -15.44 6.11
C LYS A 252 -5.39 -14.37 6.36
N ILE A 253 -5.41 -13.78 7.56
CA ILE A 253 -6.39 -12.73 7.83
C ILE A 253 -6.02 -11.52 6.96
N LEU A 254 -4.74 -11.15 6.98
CA LEU A 254 -4.34 -9.84 6.46
C LEU A 254 -4.41 -9.73 4.90
N LEU A 255 -4.16 -10.82 4.18
CA LEU A 255 -4.26 -10.82 2.70
C LEU A 255 -5.72 -10.75 2.30
N GLU A 256 -6.60 -11.35 3.10
CA GLU A 256 -8.04 -11.21 2.83
C GLU A 256 -8.51 -9.77 3.09
N MET A 257 -8.00 -9.14 4.14
CA MET A 257 -8.33 -7.74 4.38
C MET A 257 -7.83 -6.87 3.22
N GLY A 258 -6.63 -7.18 2.74
CA GLY A 258 -6.03 -6.43 1.62
C GLY A 258 -6.84 -6.55 0.35
N GLU A 259 -7.37 -7.75 0.07
CA GLU A 259 -8.25 -7.97 -1.05
C GLU A 259 -9.50 -7.09 -0.94
N PHE A 260 -10.19 -7.19 0.19
CA PHE A 260 -11.39 -6.35 0.36
C PHE A 260 -11.02 -4.84 0.18
N PHE A 261 -9.90 -4.41 0.76
CA PHE A 261 -9.55 -2.97 0.71
C PHE A 261 -9.38 -2.46 -0.74
N GLN A 262 -8.78 -3.26 -1.62
CA GLN A 262 -8.59 -2.86 -2.97
C GLN A 262 -9.93 -2.84 -3.74
N ILE A 263 -10.75 -3.86 -3.52
CA ILE A 263 -12.03 -3.97 -4.17
C ILE A 263 -12.85 -2.73 -3.84
N GLN A 264 -12.83 -2.31 -2.58
CA GLN A 264 -13.58 -1.13 -2.17
C GLN A 264 -12.95 0.11 -2.85
N ASP A 265 -11.62 0.17 -2.87
CA ASP A 265 -10.93 1.27 -3.54
C ASP A 265 -11.41 1.37 -5.00
N ASP A 266 -11.50 0.22 -5.69
CA ASP A 266 -11.96 0.12 -7.12
C ASP A 266 -13.43 0.54 -7.24
N TYR A 267 -14.24 0.15 -6.27
CA TYR A 267 -15.62 0.55 -6.29
C TYR A 267 -15.74 2.06 -6.11
N LEU A 268 -14.97 2.63 -5.18
CA LEU A 268 -15.16 4.03 -4.77
C LEU A 268 -14.63 4.99 -5.83
N ASP A 269 -13.66 4.52 -6.61
CA ASP A 269 -13.08 5.27 -7.67
C ASP A 269 -14.17 5.83 -8.59
N LEU A 270 -15.18 5.01 -8.90
CA LEU A 270 -16.28 5.41 -9.78
C LEU A 270 -17.52 5.89 -9.00
N PHE A 271 -17.85 5.25 -7.87
CA PHE A 271 -19.07 5.56 -7.19
C PHE A 271 -18.83 6.32 -5.89
N GLY A 272 -17.56 6.54 -5.53
CA GLY A 272 -17.20 7.33 -4.37
C GLY A 272 -17.47 8.82 -4.60
N ASP A 273 -18.06 9.49 -3.61
CA ASP A 273 -17.99 10.92 -3.50
C ASP A 273 -16.51 11.31 -3.54
N PRO A 274 -16.05 12.13 -4.51
CA PRO A 274 -14.63 12.55 -4.57
C PRO A 274 -14.16 13.50 -3.45
N SER A 275 -15.07 14.33 -2.93
CA SER A 275 -14.76 15.18 -1.78
C SER A 275 -14.71 14.36 -0.47
N VAL A 276 -15.23 13.13 -0.46
CA VAL A 276 -15.07 12.25 0.70
C VAL A 276 -13.79 11.41 0.53
N THR A 277 -13.55 10.87 -0.68
CA THR A 277 -12.44 9.93 -0.95
C THR A 277 -11.12 10.67 -1.18
N GLY A 278 -11.18 11.90 -1.71
CA GLY A 278 -9.99 12.68 -2.07
C GLY A 278 -9.38 12.35 -3.44
N LYS A 279 -9.95 11.39 -4.17
CA LYS A 279 -9.58 11.16 -5.58
C LYS A 279 -10.83 11.42 -6.42
N ILE A 280 -10.63 11.50 -7.73
CA ILE A 280 -11.66 11.43 -8.72
C ILE A 280 -11.19 10.36 -9.69
N GLY A 281 -12.09 9.48 -10.11
CA GLY A 281 -11.66 8.18 -10.62
C GLY A 281 -11.25 8.25 -12.07
N THR A 282 -10.20 7.52 -12.45
CA THR A 282 -9.84 7.37 -13.82
C THR A 282 -9.58 5.91 -14.17
N ASP A 283 -10.02 4.98 -13.32
CA ASP A 283 -9.89 3.57 -13.62
C ASP A 283 -10.38 3.23 -15.05
N ILE A 284 -11.54 3.73 -15.46
CA ILE A 284 -12.11 3.33 -16.77
C ILE A 284 -11.26 3.91 -17.94
N GLN A 285 -11.05 5.24 -17.93
CA GLN A 285 -10.09 5.93 -18.85
C GLN A 285 -8.79 5.12 -18.98
N ASP A 286 -8.24 4.60 -17.87
CA ASP A 286 -6.89 4.07 -17.86
C ASP A 286 -6.85 2.56 -18.15
N ASN A 287 -7.93 1.94 -18.65
CA ASN A 287 -7.92 0.49 -19.02
C ASN A 287 -7.50 -0.36 -17.80
N LYS A 288 -7.90 0.04 -16.57
CA LYS A 288 -7.43 -0.72 -15.37
C LYS A 288 -8.17 -2.06 -15.27
N CYS A 289 -7.48 -3.08 -14.75
CA CYS A 289 -8.13 -4.31 -14.32
C CYS A 289 -8.78 -4.08 -12.95
N SER A 290 -9.86 -3.30 -12.94
CA SER A 290 -10.61 -2.91 -11.73
C SER A 290 -11.60 -4.03 -11.40
N TRP A 291 -11.90 -4.21 -10.10
CA TRP A 291 -12.90 -5.18 -9.70
C TRP A 291 -14.19 -4.98 -10.50
N LEU A 292 -14.52 -3.71 -10.76
CA LEU A 292 -15.82 -3.39 -11.40
C LEU A 292 -15.90 -4.06 -12.80
N VAL A 293 -14.85 -3.88 -13.59
CA VAL A 293 -14.90 -4.31 -14.98
C VAL A 293 -14.84 -5.86 -14.99
N VAL A 294 -14.16 -6.45 -13.99
CA VAL A 294 -14.14 -7.92 -13.84
C VAL A 294 -15.57 -8.45 -13.60
N GLN A 295 -16.28 -7.85 -12.65
CA GLN A 295 -17.67 -8.22 -12.37
C GLN A 295 -18.53 -7.99 -13.62
N CYS A 296 -18.36 -6.82 -14.26
CA CYS A 296 -19.14 -6.48 -15.47
C CYS A 296 -18.94 -7.57 -16.53
N LEU A 297 -17.69 -8.00 -16.75
CA LEU A 297 -17.42 -9.04 -17.78
C LEU A 297 -18.04 -10.40 -17.38
N GLN A 298 -18.13 -10.71 -16.09
CA GLN A 298 -18.84 -11.97 -15.70
C GLN A 298 -20.34 -11.92 -15.99
N ARG A 299 -20.90 -10.71 -16.05
CA ARG A 299 -22.34 -10.54 -16.04
C ARG A 299 -22.89 -10.16 -17.42
N ALA A 300 -22.08 -9.52 -18.28
CA ALA A 300 -22.61 -8.85 -19.50
C ALA A 300 -23.08 -9.85 -20.57
N THR A 301 -24.01 -9.39 -21.41
CA THR A 301 -24.33 -10.07 -22.66
C THR A 301 -23.28 -9.75 -23.73
N PRO A 302 -23.26 -10.51 -24.85
CA PRO A 302 -22.43 -10.16 -26.00
C PRO A 302 -22.57 -8.68 -26.50
N GLU A 303 -23.84 -8.18 -26.38
CA GLU A 303 -24.17 -6.79 -26.78
C GLU A 303 -23.50 -5.82 -25.78
N GLN A 304 -23.51 -6.20 -24.49
CA GLN A 304 -23.00 -5.33 -23.41
C GLN A 304 -21.45 -5.30 -23.48
N TYR A 305 -20.87 -6.49 -23.70
CA TYR A 305 -19.43 -6.70 -23.97
C TYR A 305 -18.92 -5.66 -24.97
N GLN A 306 -19.68 -5.51 -26.08
CA GLN A 306 -19.40 -4.58 -27.17
C GLN A 306 -19.43 -3.13 -26.67
N ILE A 307 -20.44 -2.76 -25.88
CA ILE A 307 -20.57 -1.39 -25.39
C ILE A 307 -19.35 -1.10 -24.51
N LEU A 308 -18.88 -2.14 -23.82
CA LEU A 308 -17.74 -2.06 -22.91
C LEU A 308 -16.44 -1.89 -23.72
N LYS A 309 -16.21 -2.86 -24.61
CA LYS A 309 -15.11 -2.90 -25.55
C LYS A 309 -15.02 -1.56 -26.31
N GLU A 310 -16.15 -1.01 -26.79
CA GLU A 310 -16.13 0.24 -27.59
C GLU A 310 -15.79 1.45 -26.71
N ASN A 311 -16.05 1.40 -25.39
CA ASN A 311 -15.96 2.60 -24.55
C ASN A 311 -14.86 2.49 -23.47
N TYR A 312 -14.41 1.28 -23.11
CA TYR A 312 -13.51 1.21 -21.95
C TYR A 312 -12.16 1.84 -22.32
N GLY A 313 -11.60 2.64 -21.43
CA GLY A 313 -10.25 3.08 -21.60
C GLY A 313 -10.14 4.15 -22.66
N GLN A 314 -11.13 5.04 -22.72
CA GLN A 314 -11.08 6.23 -23.56
C GLN A 314 -11.09 7.46 -22.64
N LYS A 315 -10.38 8.52 -23.08
CA LYS A 315 -10.33 9.85 -22.45
C LYS A 315 -11.73 10.50 -22.52
N GLU A 316 -12.34 10.56 -23.72
CA GLU A 316 -13.66 11.24 -23.95
C GLU A 316 -14.68 10.76 -22.89
N ALA A 317 -15.35 11.76 -22.28
CA ALA A 317 -16.22 11.69 -21.09
C ALA A 317 -17.54 10.98 -21.37
N GLU A 318 -18.09 11.14 -22.59
CA GLU A 318 -19.34 10.45 -23.01
C GLU A 318 -19.08 8.92 -23.01
N LYS A 319 -17.84 8.51 -23.34
CA LYS A 319 -17.45 7.08 -23.33
C LYS A 319 -17.39 6.56 -21.87
N VAL A 320 -17.03 7.44 -20.93
CA VAL A 320 -16.94 7.06 -19.51
C VAL A 320 -18.34 6.92 -18.87
N ALA A 321 -19.26 7.78 -19.32
CA ALA A 321 -20.66 7.81 -18.86
C ALA A 321 -21.42 6.53 -19.26
N ARG A 322 -20.97 5.98 -20.43
CA ARG A 322 -21.62 4.83 -21.00
C ARG A 322 -21.07 3.57 -20.34
N VAL A 323 -19.82 3.57 -19.83
CA VAL A 323 -19.29 2.40 -19.04
C VAL A 323 -20.04 2.36 -17.69
N LYS A 324 -20.07 3.53 -17.04
CA LYS A 324 -20.74 3.71 -15.78
C LYS A 324 -22.21 3.31 -15.89
N ALA A 325 -22.87 3.78 -16.94
CA ALA A 325 -24.24 3.45 -17.12
C ALA A 325 -24.40 1.92 -17.21
N LEU A 326 -23.49 1.21 -17.89
CA LEU A 326 -23.63 -0.25 -18.07
C LEU A 326 -23.47 -0.96 -16.71
N TYR A 327 -22.53 -0.45 -15.89
CA TYR A 327 -22.26 -0.97 -14.53
C TYR A 327 -23.54 -0.84 -13.69
N GLU A 328 -24.21 0.31 -13.82
CA GLU A 328 -25.47 0.54 -13.14
C GLU A 328 -26.53 -0.41 -13.71
N GLU A 329 -26.66 -0.54 -15.04
CA GLU A 329 -27.70 -1.46 -15.66
C GLU A 329 -27.54 -2.84 -15.01
N LEU A 330 -26.28 -3.27 -14.79
CA LEU A 330 -25.99 -4.60 -14.22
C LEU A 330 -25.98 -4.63 -12.67
N ASP A 331 -26.35 -3.53 -11.99
CA ASP A 331 -26.49 -3.41 -10.47
C ASP A 331 -25.18 -3.80 -9.77
N LEU A 332 -24.05 -3.30 -10.28
CA LEU A 332 -22.78 -3.64 -9.68
C LEU A 332 -22.69 -3.03 -8.27
N PRO A 333 -23.32 -1.86 -7.99
CA PRO A 333 -23.34 -1.30 -6.63
C PRO A 333 -24.00 -2.22 -5.60
N ALA A 334 -25.11 -2.82 -6.01
CA ALA A 334 -25.77 -3.84 -5.24
C ALA A 334 -24.82 -5.02 -5.06
N VAL A 335 -24.14 -5.44 -6.13
CA VAL A 335 -23.23 -6.62 -6.06
C VAL A 335 -22.11 -6.33 -5.04
N PHE A 336 -21.62 -5.09 -5.07
CA PHE A 336 -20.60 -4.66 -4.18
C PHE A 336 -21.10 -4.73 -2.73
N LEU A 337 -22.28 -4.14 -2.46
CA LEU A 337 -22.72 -4.07 -1.08
C LEU A 337 -22.86 -5.52 -0.54
N GLN A 338 -23.38 -6.40 -1.39
CA GLN A 338 -23.46 -7.81 -1.09
C GLN A 338 -22.06 -8.36 -0.80
N TYR A 339 -21.10 -8.04 -1.66
CA TYR A 339 -19.76 -8.53 -1.45
C TYR A 339 -19.22 -7.93 -0.12
N GLU A 340 -19.53 -6.66 0.20
CA GLU A 340 -19.00 -6.01 1.41
C GLU A 340 -19.49 -6.75 2.69
N GLU A 341 -20.75 -7.14 2.70
CA GLU A 341 -21.37 -7.84 3.81
C GLU A 341 -20.75 -9.23 4.01
N ASP A 342 -20.71 -10.00 2.91
CA ASP A 342 -20.11 -11.33 2.90
C ASP A 342 -18.67 -11.26 3.40
N SER A 343 -17.95 -10.27 2.92
CA SER A 343 -16.56 -10.10 3.18
C SER A 343 -16.34 -9.75 4.67
N TYR A 344 -17.26 -8.98 5.20
CA TYR A 344 -17.22 -8.67 6.57
C TYR A 344 -17.44 -9.94 7.44
N SER A 345 -18.47 -10.77 7.18
CA SER A 345 -18.63 -12.08 7.96
C SER A 345 -17.35 -12.89 7.90
N HIS A 346 -16.82 -13.01 6.69
CA HIS A 346 -15.73 -13.90 6.45
C HIS A 346 -14.50 -13.42 7.21
N ILE A 347 -14.24 -12.11 7.19
CA ILE A 347 -13.07 -11.58 7.93
C ILE A 347 -13.21 -11.82 9.43
N MET A 348 -14.43 -11.63 9.97
CA MET A 348 -14.67 -11.78 11.41
C MET A 348 -14.45 -13.25 11.80
N ALA A 349 -14.98 -14.17 11.00
CA ALA A 349 -14.70 -15.63 11.13
C ALA A 349 -13.20 -15.92 11.10
N LEU A 350 -12.47 -15.23 10.22
CA LEU A 350 -11.04 -15.50 10.10
C LEU A 350 -10.33 -15.02 11.36
N ILE A 351 -10.74 -13.84 11.86
CA ILE A 351 -10.15 -13.31 13.07
C ILE A 351 -10.44 -14.30 14.23
N GLU A 352 -11.68 -14.73 14.35
CA GLU A 352 -12.08 -15.68 15.41
C GLU A 352 -11.15 -16.89 15.35
N GLN A 353 -10.99 -17.45 14.16
CA GLN A 353 -10.25 -18.67 14.00
C GLN A 353 -8.73 -18.51 13.98
N TYR A 354 -8.14 -17.36 13.54
CA TYR A 354 -6.69 -17.35 13.33
C TYR A 354 -5.94 -16.25 14.11
N ALA A 355 -6.65 -15.46 14.89
CA ALA A 355 -5.96 -14.39 15.54
C ALA A 355 -5.05 -14.93 16.65
N ALA A 356 -5.62 -15.77 17.53
CA ALA A 356 -4.89 -16.36 18.67
C ALA A 356 -3.55 -16.90 18.18
N PRO A 357 -2.49 -16.55 18.91
CA PRO A 357 -2.65 -15.94 20.22
C PRO A 357 -2.38 -14.43 20.22
N LEU A 358 -2.52 -13.76 19.06
CA LEU A 358 -2.40 -12.31 19.10
C LEU A 358 -3.72 -11.77 19.66
N PRO A 359 -3.76 -10.57 20.28
CA PRO A 359 -5.03 -9.97 20.67
C PRO A 359 -5.91 -9.61 19.45
N PRO A 360 -7.18 -10.07 19.41
CA PRO A 360 -8.04 -9.77 18.26
C PRO A 360 -8.02 -8.31 17.85
N ALA A 361 -7.87 -7.41 18.82
CA ALA A 361 -7.86 -6.00 18.55
C ALA A 361 -6.80 -5.57 17.49
N VAL A 362 -5.78 -6.38 17.27
CA VAL A 362 -4.72 -6.04 16.30
C VAL A 362 -5.37 -6.01 14.93
N PHE A 363 -6.21 -7.01 14.67
CA PHE A 363 -6.92 -7.20 13.43
C PHE A 363 -8.18 -6.32 13.40
N LEU A 364 -8.89 -6.16 14.52
CA LEU A 364 -10.15 -5.41 14.52
C LEU A 364 -9.89 -3.93 14.28
N GLY A 365 -8.83 -3.38 14.86
CA GLY A 365 -8.47 -1.98 14.58
C GLY A 365 -8.35 -1.74 13.06
N LEU A 366 -7.69 -2.67 12.33
CA LEU A 366 -7.53 -2.58 10.84
C LEU A 366 -8.89 -2.68 10.19
N ALA A 367 -9.64 -3.72 10.55
CA ALA A 367 -10.93 -3.93 9.95
C ALA A 367 -11.82 -2.68 10.14
N ARG A 368 -11.66 -1.99 11.25
CA ARG A 368 -12.48 -0.87 11.54
C ARG A 368 -12.13 0.30 10.61
N LYS A 369 -10.84 0.51 10.38
CA LYS A 369 -10.37 1.57 9.51
C LYS A 369 -10.85 1.39 8.06
N ILE A 370 -11.09 0.15 7.60
CA ILE A 370 -11.34 -0.06 6.16
C ILE A 370 -12.80 -0.44 5.86
N TYR A 371 -13.52 -1.11 6.78
CA TYR A 371 -14.96 -1.37 6.56
C TYR A 371 -15.80 -0.13 6.98
N LYS A 372 -15.13 0.95 7.47
CA LYS A 372 -15.71 2.32 7.66
C LYS A 372 -15.49 3.13 6.38
#